data_6ASL
#
_entry.id   6ASL
#
_cell.length_a   87.079
_cell.length_b   87.079
_cell.length_c   194.940
_cell.angle_alpha   90.00
_cell.angle_beta   90.00
_cell.angle_gamma   90.00
#
_symmetry.space_group_name_H-M   'P 43 21 2'
#
loop_
_entity.id
_entity.type
_entity.pdbx_description
1 polymer 'Putative monooxygenase MoxC'
2 non-polymer 'FLAVIN MONONUCLEOTIDE'
3 non-polymer LUMIFLAVIN
4 water water
#
_entity_poly.entity_id   1
_entity_poly.type   'polypeptide(L)'
_entity_poly.pdbx_seq_one_letter_code
;GHMTRADFIQFGAMIHGVGGTTDGWRHPDVDPSASTNIEFYMKKAQTAEKGLFSFIFIADGLFISEKSIPHFLNRFEPIT
ILSALASVTKNIGLVGTFSTSFTEPFTISRQLMSLDHISGGRAGWNLVTSPQEGAARNHSKSNLPEHTERYEIAQEHLDV
VRGLWNSWEHDAFIHNKKTGQFFDQAKLHRLNHKGKYFQVEGPLNIGRSKQGEPVVFQAGSSETGRQFAAKNADAIFTHS
NSLEETKAFYADVKSRAADEGRDPSSVRIFPGISPIVADTEEEAEKKYREFAELIPIENAVTYLARFFDDYDLSVYPLDE
PFPDIGDVGKNAFQSTTDRIKREAKARNLTLREVAQEMAFPRTLFIGTPERVASLIETWFNAEAADGFIVGSDIPGTLDA
FVEKVIPILQERGLYRQDYRGGTLRENLGLGIPQHQSVLHSSHH
;
_entity_poly.pdbx_strand_id   A
#
loop_
_chem_comp.id
_chem_comp.type
_chem_comp.name
_chem_comp.formula
FMN non-polymer 'FLAVIN MONONUCLEOTIDE' 'C17 H21 N4 O9 P'
LFN non-polymer LUMIFLAVIN 'C13 H12 N4 O2'
#
# COMPACT_ATOMS: atom_id res chain seq x y z
N ARG A 5 -4.64 13.12 -20.99
CA ARG A 5 -5.17 12.91 -19.65
C ARG A 5 -5.50 14.23 -18.98
N ALA A 6 -6.79 14.44 -18.74
CA ALA A 6 -7.26 15.67 -18.10
C ALA A 6 -7.04 15.67 -16.60
N ASP A 7 -6.67 14.55 -16.00
CA ASP A 7 -6.49 14.49 -14.56
C ASP A 7 -5.02 14.61 -14.19
N PHE A 8 -4.80 14.88 -12.91
CA PHE A 8 -3.47 14.99 -12.34
C PHE A 8 -3.11 13.65 -11.72
N ILE A 9 -1.82 13.36 -11.68
CA ILE A 9 -1.37 12.18 -10.97
C ILE A 9 -1.38 12.45 -9.48
N GLN A 10 -1.58 11.39 -8.68
CA GLN A 10 -1.59 11.46 -7.22
C GLN A 10 -0.58 10.48 -6.65
N PHE A 11 -0.16 10.74 -5.41
CA PHE A 11 0.74 9.86 -4.68
C PHE A 11 0.23 9.55 -3.28
N GLY A 12 0.51 8.33 -2.84
CA GLY A 12 0.47 8.01 -1.44
C GLY A 12 1.85 7.66 -0.91
N ALA A 13 2.03 7.79 0.40
CA ALA A 13 3.28 7.45 1.06
C ALA A 13 3.04 6.30 2.04
N MET A 14 3.69 5.17 1.78
CA MET A 14 3.63 4.05 2.70
C MET A 14 4.68 4.26 3.78
N ILE A 15 4.26 4.33 5.03
CA ILE A 15 5.16 4.57 6.14
C ILE A 15 5.30 3.25 6.87
N HIS A 16 6.53 2.73 6.94
CA HIS A 16 6.72 1.30 7.21
C HIS A 16 7.91 1.10 8.16
N GLY A 17 8.09 2.01 9.11
CA GLY A 17 9.07 1.80 10.17
C GLY A 17 10.45 1.50 9.60
N VAL A 18 11.09 0.46 10.16
CA VAL A 18 12.43 0.10 9.72
C VAL A 18 12.43 -0.61 8.37
N GLY A 19 11.28 -0.79 7.75
CA GLY A 19 11.25 -1.14 6.33
C GLY A 19 10.84 -2.57 6.08
N GLY A 20 10.78 -2.93 4.79
CA GLY A 20 10.28 -4.21 4.34
C GLY A 20 11.31 -5.32 4.22
N THR A 21 12.55 -5.13 4.65
CA THR A 21 13.57 -6.14 4.43
C THR A 21 14.12 -6.71 5.74
N THR A 22 14.87 -7.79 5.59
CA THR A 22 15.45 -8.46 6.75
C THR A 22 16.60 -7.65 7.34
N ASP A 23 17.36 -6.93 6.52
CA ASP A 23 18.64 -6.39 6.97
C ASP A 23 18.82 -4.92 6.64
N GLY A 24 17.83 -4.26 6.03
CA GLY A 24 17.97 -2.85 5.75
C GLY A 24 18.17 -2.01 6.99
N TRP A 25 17.63 -2.45 8.13
CA TRP A 25 17.77 -1.70 9.38
C TRP A 25 19.22 -1.53 9.81
N ARG A 26 20.14 -2.29 9.22
CA ARG A 26 21.53 -2.23 9.63
C ARG A 26 22.31 -1.13 8.93
N HIS A 27 21.68 -0.41 8.02
CA HIS A 27 22.32 0.72 7.36
C HIS A 27 22.64 1.78 8.41
N PRO A 28 23.79 2.43 8.34
CA PRO A 28 24.11 3.48 9.32
C PRO A 28 23.03 4.54 9.48
N ASP A 29 22.30 4.87 8.42
CA ASP A 29 21.34 5.97 8.50
C ASP A 29 20.02 5.58 9.15
N VAL A 30 19.75 4.29 9.34
CA VAL A 30 18.44 3.85 9.81
C VAL A 30 18.38 3.90 11.32
N ASP A 31 17.26 4.39 11.84
CA ASP A 31 16.90 4.29 13.24
C ASP A 31 16.22 2.95 13.48
N PRO A 32 16.89 2.00 14.14
CA PRO A 32 16.30 0.66 14.29
C PRO A 32 15.08 0.62 15.18
N SER A 33 14.79 1.71 15.89
CA SER A 33 13.55 1.82 16.65
C SER A 33 12.41 2.45 15.85
N ALA A 34 12.62 2.72 14.55
CA ALA A 34 11.65 3.52 13.77
C ALA A 34 10.23 3.00 13.87
N SER A 35 10.06 1.69 13.90
CA SER A 35 8.72 1.13 13.78
C SER A 35 7.83 1.43 15.00
N THR A 36 8.41 1.82 16.12
CA THR A 36 7.59 2.26 17.27
C THR A 36 7.98 3.68 17.70
N ASN A 37 8.49 4.48 16.76
CA ASN A 37 9.01 5.82 17.05
C ASN A 37 8.00 6.85 16.52
N ILE A 38 7.30 7.51 17.44
CA ILE A 38 6.23 8.42 17.01
C ILE A 38 6.81 9.56 16.17
N GLU A 39 8.01 10.01 16.53
CA GLU A 39 8.64 11.12 15.81
C GLU A 39 8.89 10.75 14.36
N PHE A 40 9.37 9.53 14.14
CA PHE A 40 9.64 9.03 12.79
C PHE A 40 8.39 9.08 11.93
N TYR A 41 7.29 8.56 12.46
CA TYR A 41 6.02 8.55 11.72
C TYR A 41 5.53 9.97 11.48
N MET A 42 5.64 10.84 12.49
CA MET A 42 5.18 12.21 12.30
C MET A 42 6.03 12.92 11.24
N LYS A 43 7.34 12.75 11.29
CA LYS A 43 8.19 13.41 10.30
C LYS A 43 7.86 12.95 8.89
N LYS A 44 7.68 11.64 8.70
CA LYS A 44 7.39 11.10 7.37
C LYS A 44 6.04 11.59 6.89
N ALA A 45 5.05 11.60 7.79
CA ALA A 45 3.73 12.08 7.40
C ALA A 45 3.77 13.54 6.97
N GLN A 46 4.51 14.38 7.71
CA GLN A 46 4.57 15.79 7.36
C GLN A 46 5.38 16.03 6.09
N THR A 47 6.35 15.18 5.82
CA THR A 47 7.08 15.27 4.56
C THR A 47 6.16 14.96 3.38
N ALA A 48 5.35 13.92 3.50
CA ALA A 48 4.40 13.60 2.45
C ALA A 48 3.39 14.72 2.25
N GLU A 49 2.95 15.33 3.33
CA GLU A 49 2.03 16.47 3.23
C GLU A 49 2.68 17.67 2.59
N LYS A 50 3.96 17.90 2.87
CA LYS A 50 4.68 18.95 2.15
C LYS A 50 4.67 18.67 0.64
N GLY A 51 4.72 17.40 0.24
CA GLY A 51 4.63 17.04 -1.15
C GLY A 51 3.23 16.98 -1.72
N LEU A 52 2.23 17.43 -0.95
CA LEU A 52 0.83 17.43 -1.36
C LEU A 52 0.29 16.02 -1.59
N PHE A 53 0.89 15.02 -0.98
CA PHE A 53 0.44 13.65 -1.18
C PHE A 53 -1.02 13.49 -0.77
N SER A 54 -1.78 12.75 -1.59
CA SER A 54 -3.18 12.51 -1.29
C SER A 54 -3.37 11.73 0.00
N PHE A 55 -2.43 10.85 0.36
CA PHE A 55 -2.61 10.06 1.58
C PHE A 55 -1.31 9.46 2.05
N ILE A 56 -1.29 9.10 3.33
CA ILE A 56 -0.33 8.18 3.86
C ILE A 56 -1.01 6.83 4.07
N PHE A 57 -0.21 5.78 4.08
CA PHE A 57 -0.71 4.42 4.14
C PHE A 57 0.07 3.60 5.16
N ILE A 58 -0.67 2.89 6.00
CA ILE A 58 -0.13 2.02 7.03
C ILE A 58 -0.60 0.61 6.69
N ALA A 59 0.34 -0.23 6.27
CA ALA A 59 0.13 -1.66 6.01
C ALA A 59 0.06 -2.39 7.34
N ASP A 60 -0.42 -3.63 7.34
CA ASP A 60 -0.55 -4.34 8.61
C ASP A 60 -0.55 -5.84 8.40
N GLY A 61 -0.23 -6.57 9.49
CA GLY A 61 -0.40 -8.01 9.61
C GLY A 61 -0.58 -8.39 11.06
N LEU A 62 -0.98 -9.65 11.29
CA LEU A 62 -1.52 -10.08 12.57
C LEU A 62 -0.89 -11.37 13.10
N PHE A 63 0.28 -11.76 12.59
CA PHE A 63 0.95 -12.99 13.02
C PHE A 63 2.44 -12.85 12.73
N ILE A 64 3.29 -13.22 13.69
CA ILE A 64 4.74 -13.20 13.53
C ILE A 64 5.37 -14.46 14.08
N SER A 65 6.62 -14.69 13.65
CA SER A 65 7.50 -15.69 14.18
C SER A 65 8.90 -15.08 14.35
N GLU A 66 9.80 -15.91 14.86
CA GLU A 66 11.21 -15.56 14.99
C GLU A 66 11.83 -15.16 13.65
N LYS A 67 11.23 -15.55 12.53
CA LYS A 67 11.80 -15.23 11.24
C LYS A 67 11.12 -14.06 10.56
N SER A 68 10.11 -13.45 11.18
CA SER A 68 9.46 -12.31 10.57
C SER A 68 10.47 -11.15 10.46
N ILE A 69 10.29 -10.31 9.45
CA ILE A 69 11.20 -9.16 9.29
C ILE A 69 11.12 -8.24 10.52
N PRO A 70 12.19 -7.53 10.85
CA PRO A 70 12.17 -6.67 12.04
C PRO A 70 10.99 -5.73 12.16
N HIS A 71 10.54 -5.08 11.08
CA HIS A 71 9.40 -4.17 11.20
C HIS A 71 8.16 -4.89 11.73
N PHE A 72 7.94 -6.13 11.29
CA PHE A 72 6.75 -6.88 11.68
C PHE A 72 6.79 -7.33 13.15
N LEU A 73 7.96 -7.42 13.75
CA LEU A 73 8.06 -7.93 15.10
C LEU A 73 7.51 -6.94 16.13
N ASN A 74 7.62 -5.65 15.88
CA ASN A 74 7.40 -4.65 16.93
C ASN A 74 7.06 -3.36 16.22
N ARG A 75 5.77 -3.02 16.17
CA ARG A 75 5.35 -1.87 15.39
C ARG A 75 4.04 -1.32 15.90
N PHE A 76 3.76 -0.08 15.50
CA PHE A 76 2.46 0.53 15.78
C PHE A 76 1.33 -0.26 15.13
N GLU A 77 0.13 -0.16 15.73
CA GLU A 77 -1.11 -0.69 15.19
C GLU A 77 -1.79 0.40 14.35
N PRO A 78 -2.57 0.08 13.30
CA PRO A 78 -2.88 1.15 12.33
C PRO A 78 -3.87 2.21 12.79
N ILE A 79 -5.00 1.86 13.44
CA ILE A 79 -5.95 2.94 13.71
C ILE A 79 -5.37 3.91 14.73
N THR A 80 -4.55 3.42 15.67
CA THR A 80 -3.99 4.31 16.67
C THR A 80 -2.96 5.25 16.06
N ILE A 81 -2.00 4.73 15.29
CA ILE A 81 -1.01 5.64 14.73
C ILE A 81 -1.68 6.63 13.77
N LEU A 82 -2.70 6.21 13.03
CA LEU A 82 -3.35 7.14 12.09
C LEU A 82 -4.06 8.25 12.84
N SER A 83 -4.73 7.90 13.94
CA SER A 83 -5.40 8.93 14.75
C SER A 83 -4.41 9.89 15.39
N ALA A 84 -3.26 9.38 15.87
CA ALA A 84 -2.25 10.28 16.43
C ALA A 84 -1.72 11.21 15.35
N LEU A 85 -1.54 10.69 14.13
CA LEU A 85 -1.03 11.51 13.04
C LEU A 85 -2.07 12.52 12.57
N ALA A 86 -3.37 12.21 12.72
CA ALA A 86 -4.40 13.18 12.35
C ALA A 86 -4.18 14.52 13.04
N SER A 87 -3.77 14.51 14.30
CA SER A 87 -3.65 15.77 15.05
C SER A 87 -2.47 16.62 14.62
N VAL A 88 -1.51 16.08 13.86
CA VAL A 88 -0.33 16.84 13.50
C VAL A 88 -0.17 16.95 11.98
N THR A 89 -1.25 16.72 11.23
CA THR A 89 -1.32 16.89 9.78
C THR A 89 -2.61 17.62 9.44
N LYS A 90 -2.70 18.16 8.22
CA LYS A 90 -3.88 18.98 7.88
C LYS A 90 -4.78 18.37 6.82
N ASN A 91 -4.27 18.04 5.63
CA ASN A 91 -5.08 17.67 4.47
C ASN A 91 -4.86 16.23 4.00
N ILE A 92 -3.76 15.63 4.40
CA ILE A 92 -3.32 14.36 3.83
C ILE A 92 -4.19 13.22 4.35
N GLY A 93 -4.54 12.31 3.46
CA GLY A 93 -5.32 11.14 3.84
C GLY A 93 -4.59 10.22 4.79
N LEU A 94 -5.40 9.42 5.51
CA LEU A 94 -4.96 8.55 6.60
C LEU A 94 -5.56 7.16 6.33
N VAL A 95 -4.80 6.29 5.67
CA VAL A 95 -5.31 5.01 5.17
C VAL A 95 -4.65 3.88 5.94
N GLY A 96 -5.46 3.00 6.52
CA GLY A 96 -4.93 1.89 7.31
C GLY A 96 -5.48 0.55 6.87
N THR A 97 -4.63 -0.48 7.00
CA THR A 97 -5.04 -1.85 6.73
C THR A 97 -5.83 -2.41 7.91
N PHE A 98 -7.01 -2.95 7.63
CA PHE A 98 -7.77 -3.72 8.62
C PHE A 98 -8.36 -4.93 7.95
N SER A 99 -8.26 -6.06 8.63
CA SER A 99 -8.77 -7.31 8.12
C SER A 99 -10.26 -7.50 8.37
N THR A 100 -10.93 -8.13 7.38
CA THR A 100 -12.31 -8.58 7.56
C THR A 100 -12.42 -9.95 8.25
N SER A 101 -11.31 -10.67 8.44
CA SER A 101 -11.40 -12.04 8.93
C SER A 101 -11.76 -12.14 10.41
N PHE A 102 -11.32 -11.22 11.24
CA PHE A 102 -11.50 -11.42 12.68
C PHE A 102 -12.41 -10.41 13.34
N THR A 103 -12.23 -9.11 13.11
CA THR A 103 -12.94 -8.10 13.90
C THR A 103 -14.36 -7.89 13.40
N GLU A 104 -15.26 -7.59 14.34
CA GLU A 104 -16.64 -7.41 13.98
C GLU A 104 -16.81 -6.12 13.17
N PRO A 105 -17.70 -6.12 12.19
CA PRO A 105 -17.91 -4.90 11.40
C PRO A 105 -18.33 -3.70 12.22
N PHE A 106 -19.10 -3.87 13.31
CA PHE A 106 -19.51 -2.69 14.09
C PHE A 106 -18.27 -1.96 14.63
N THR A 107 -17.28 -2.71 15.10
CA THR A 107 -16.08 -2.11 15.68
C THR A 107 -15.27 -1.37 14.63
N ILE A 108 -15.00 -2.04 13.52
CA ILE A 108 -14.21 -1.46 12.42
C ILE A 108 -14.92 -0.22 11.87
N SER A 109 -16.24 -0.35 11.65
CA SER A 109 -17.05 0.78 11.18
C SER A 109 -16.92 1.99 12.10
N ARG A 110 -17.07 1.78 13.40
CA ARG A 110 -16.96 2.85 14.38
C ARG A 110 -15.56 3.47 14.40
N GLN A 111 -14.52 2.63 14.44
CA GLN A 111 -13.17 3.16 14.58
C GLN A 111 -12.77 3.96 13.35
N LEU A 112 -13.10 3.46 12.15
CA LEU A 112 -12.81 4.21 10.93
C LEU A 112 -13.61 5.50 10.88
N MET A 113 -14.89 5.45 11.23
CA MET A 113 -15.68 6.68 11.15
C MET A 113 -15.24 7.69 12.22
N SER A 114 -14.81 7.22 13.39
CA SER A 114 -14.30 8.14 14.39
C SER A 114 -13.02 8.81 13.88
N LEU A 115 -12.12 8.05 13.27
CA LEU A 115 -10.96 8.66 12.62
C LEU A 115 -11.39 9.67 11.57
N ASP A 116 -12.47 9.37 10.84
CA ASP A 116 -12.94 10.30 9.82
C ASP A 116 -13.43 11.60 10.43
N HIS A 117 -14.03 11.54 11.62
CA HIS A 117 -14.47 12.77 12.28
C HIS A 117 -13.30 13.52 12.89
N ILE A 118 -12.37 12.80 13.56
CA ILE A 118 -11.20 13.42 14.15
C ILE A 118 -10.43 14.22 13.10
N SER A 119 -10.27 13.64 11.93
CA SER A 119 -9.41 14.20 10.89
C SER A 119 -10.15 15.13 9.94
N GLY A 120 -11.45 15.36 10.12
CA GLY A 120 -12.14 16.23 9.18
C GLY A 120 -12.34 15.61 7.82
N GLY A 121 -12.40 14.28 7.74
CA GLY A 121 -12.78 13.59 6.53
C GLY A 121 -11.62 13.11 5.69
N ARG A 122 -10.62 12.54 6.34
CA ARG A 122 -9.42 12.03 5.68
C ARG A 122 -9.21 10.53 5.84
N ALA A 123 -10.17 9.78 6.40
CA ALA A 123 -9.93 8.38 6.68
C ALA A 123 -10.06 7.49 5.43
N GLY A 124 -9.24 6.44 5.39
CA GLY A 124 -9.37 5.40 4.40
C GLY A 124 -9.08 4.02 4.98
N TRP A 125 -9.67 2.99 4.36
CA TRP A 125 -9.54 1.62 4.82
C TRP A 125 -9.00 0.76 3.68
N ASN A 126 -7.80 0.20 3.86
CA ASN A 126 -7.27 -0.84 2.98
C ASN A 126 -7.83 -2.18 3.45
N LEU A 127 -8.78 -2.73 2.71
CA LEU A 127 -9.50 -3.91 3.15
C LEU A 127 -8.69 -5.13 2.77
N VAL A 128 -8.30 -5.91 3.74
CA VAL A 128 -7.65 -7.12 3.39
C VAL A 128 -8.37 -8.36 4.01
N THR A 129 -8.40 -9.52 3.34
CA THR A 129 -8.91 -10.80 3.92
C THR A 129 -7.54 -11.33 4.41
N SER A 130 -7.23 -11.44 5.70
CA SER A 130 -5.87 -11.88 6.12
C SER A 130 -5.40 -13.18 5.44
N PRO A 131 -4.34 -13.19 4.63
CA PRO A 131 -3.75 -14.42 4.06
C PRO A 131 -2.78 -15.23 5.03
N GLN A 132 -2.56 -14.82 6.27
CA GLN A 132 -1.50 -15.34 7.20
C GLN A 132 -2.21 -16.48 8.01
N GLU A 133 -2.07 -17.75 7.64
CA GLU A 133 -2.78 -18.83 8.36
C GLU A 133 -2.64 -18.70 9.90
N GLY A 134 -1.48 -18.29 10.34
CA GLY A 134 -1.26 -18.25 11.78
C GLY A 134 -2.06 -17.16 12.47
N ALA A 135 -2.48 -16.14 11.72
CA ALA A 135 -3.31 -15.11 12.34
C ALA A 135 -4.60 -15.68 12.91
N ALA A 136 -5.14 -16.72 12.28
CA ALA A 136 -6.34 -17.35 12.82
C ALA A 136 -6.13 -17.77 14.27
N ARG A 137 -4.96 -18.30 14.57
CA ARG A 137 -4.67 -18.82 15.90
C ARG A 137 -4.36 -17.73 16.89
N ASN A 138 -4.31 -16.46 16.45
CA ASN A 138 -4.26 -15.33 17.36
C ASN A 138 -5.66 -14.79 17.68
N HIS A 139 -6.70 -15.35 17.07
CA HIS A 139 -8.07 -14.82 17.18
C HIS A 139 -9.06 -15.94 17.41
N SER A 140 -8.67 -16.97 18.18
CA SER A 140 -9.58 -18.02 18.64
C SER A 140 -10.23 -18.77 17.47
N LYS A 141 -9.48 -19.00 16.40
CA LYS A 141 -9.90 -19.87 15.31
C LYS A 141 -8.84 -20.91 15.04
N SER A 142 -9.31 -22.11 14.68
CA SER A 142 -8.40 -23.20 14.35
C SER A 142 -7.60 -22.92 13.08
N ASN A 143 -8.23 -22.27 12.09
CA ASN A 143 -7.66 -22.09 10.77
C ASN A 143 -8.42 -20.97 10.07
N LEU A 144 -7.83 -20.42 9.01
CA LEU A 144 -8.54 -19.48 8.16
C LEU A 144 -9.56 -20.20 7.28
N PRO A 145 -10.64 -19.52 6.90
CA PRO A 145 -11.46 -20.02 5.80
C PRO A 145 -10.64 -20.09 4.53
N GLU A 146 -11.12 -20.92 3.61
CA GLU A 146 -10.57 -21.04 2.25
C GLU A 146 -10.69 -19.71 1.49
N HIS A 147 -9.80 -19.52 0.51
CA HIS A 147 -9.66 -18.23 -0.18
C HIS A 147 -10.98 -17.67 -0.67
N THR A 148 -11.76 -18.48 -1.36
CA THR A 148 -13.02 -18.01 -1.92
C THR A 148 -13.94 -17.56 -0.81
N GLU A 149 -14.05 -18.36 0.25
CA GLU A 149 -14.94 -17.98 1.35
C GLU A 149 -14.45 -16.71 2.04
N ARG A 150 -13.14 -16.50 2.13
CA ARG A 150 -12.67 -15.26 2.75
C ARG A 150 -13.23 -14.04 2.04
N TYR A 151 -13.36 -14.10 0.71
CA TYR A 151 -13.91 -12.98 -0.04
C TYR A 151 -15.45 -12.89 0.10
N GLU A 152 -16.15 -14.00 0.32
CA GLU A 152 -17.57 -13.93 0.69
C GLU A 152 -17.77 -13.24 2.03
N ILE A 153 -16.98 -13.64 3.04
CA ILE A 153 -17.01 -12.96 4.33
C ILE A 153 -16.73 -11.49 4.17
N ALA A 154 -15.72 -11.15 3.35
CA ALA A 154 -15.33 -9.75 3.20
C ALA A 154 -16.46 -8.94 2.58
N GLN A 155 -17.16 -9.48 1.59
CA GLN A 155 -18.26 -8.73 1.02
C GLN A 155 -19.31 -8.40 2.07
N GLU A 156 -19.66 -9.38 2.91
CA GLU A 156 -20.71 -9.13 3.91
C GLU A 156 -20.20 -8.15 4.95
N HIS A 157 -18.94 -8.29 5.34
CA HIS A 157 -18.34 -7.39 6.32
C HIS A 157 -18.41 -5.96 5.83
N LEU A 158 -17.95 -5.75 4.60
CA LEU A 158 -17.95 -4.43 4.00
C LEU A 158 -19.36 -3.89 3.85
N ASP A 159 -20.29 -4.74 3.43
CA ASP A 159 -21.69 -4.29 3.31
C ASP A 159 -22.21 -3.80 4.65
N VAL A 160 -21.88 -4.49 5.73
CA VAL A 160 -22.34 -4.04 7.05
C VAL A 160 -21.65 -2.76 7.45
N VAL A 161 -20.33 -2.68 7.25
CA VAL A 161 -19.61 -1.45 7.61
C VAL A 161 -20.22 -0.26 6.89
N ARG A 162 -20.44 -0.38 5.58
CA ARG A 162 -20.99 0.74 4.82
C ARG A 162 -22.45 0.99 5.22
N GLY A 163 -23.20 -0.08 5.43
CA GLY A 163 -24.55 0.10 5.98
C GLY A 163 -24.54 0.91 7.26
N LEU A 164 -23.66 0.56 8.20
CA LEU A 164 -23.62 1.26 9.49
C LEU A 164 -23.19 2.71 9.32
N TRP A 165 -22.22 2.97 8.43
CA TRP A 165 -21.85 4.35 8.13
C TRP A 165 -23.03 5.21 7.71
N ASN A 166 -24.07 4.60 7.13
CA ASN A 166 -25.25 5.32 6.69
C ASN A 166 -26.42 5.20 7.68
N SER A 167 -26.12 4.90 8.94
CA SER A 167 -27.15 4.94 9.99
C SER A 167 -27.81 6.30 10.10
N TRP A 168 -27.00 7.36 10.02
CA TRP A 168 -27.45 8.74 10.14
C TRP A 168 -27.32 9.45 8.80
N GLU A 169 -28.37 10.11 8.37
CA GLU A 169 -28.24 11.00 7.23
C GLU A 169 -27.37 12.20 7.58
N HIS A 170 -26.82 12.83 6.54
CA HIS A 170 -25.86 13.91 6.76
C HIS A 170 -26.48 15.08 7.51
N ASP A 171 -27.79 15.31 7.35
CA ASP A 171 -28.45 16.42 8.02
C ASP A 171 -29.35 15.95 9.16
N ALA A 172 -29.05 14.82 9.79
CA ALA A 172 -29.93 14.30 10.84
C ALA A 172 -29.84 15.10 12.13
N PHE A 173 -28.72 15.77 12.40
CA PHE A 173 -28.44 16.36 13.71
C PHE A 173 -28.76 17.85 13.67
N ILE A 174 -30.04 18.14 13.90
CA ILE A 174 -30.52 19.50 13.78
C ILE A 174 -30.22 20.35 15.01
N HIS A 175 -30.01 19.74 16.18
CA HIS A 175 -29.45 20.45 17.34
C HIS A 175 -30.25 21.71 17.67
N ASN A 176 -31.57 21.57 17.76
CA ASN A 176 -32.44 22.74 17.97
C ASN A 176 -32.67 22.90 19.46
N LYS A 177 -31.95 23.85 20.08
CA LYS A 177 -32.02 24.02 21.52
C LYS A 177 -33.39 24.52 21.96
N LYS A 178 -34.04 25.29 21.10
CA LYS A 178 -35.31 25.90 21.47
C LYS A 178 -36.40 24.85 21.53
N THR A 179 -36.47 23.95 20.55
CA THR A 179 -37.51 22.92 20.59
C THR A 179 -37.08 21.68 21.35
N GLY A 180 -35.78 21.51 21.59
CA GLY A 180 -35.30 20.30 22.21
C GLY A 180 -35.12 19.14 21.26
N GLN A 181 -35.27 19.35 19.96
CA GLN A 181 -35.08 18.27 19.01
C GLN A 181 -33.60 18.21 18.66
N PHE A 182 -32.91 17.23 19.23
CA PHE A 182 -31.48 17.08 18.97
C PHE A 182 -31.24 16.48 17.60
N PHE A 183 -32.10 15.56 17.16
CA PHE A 183 -31.96 14.92 15.85
C PHE A 183 -33.33 14.71 15.23
N ASP A 184 -33.34 14.57 13.90
CA ASP A 184 -34.53 14.21 13.14
C ASP A 184 -34.66 12.69 13.10
N GLN A 185 -35.66 12.16 13.81
CA GLN A 185 -35.82 10.72 13.91
C GLN A 185 -36.10 10.08 12.56
N ALA A 186 -36.62 10.82 11.58
CA ALA A 186 -36.83 10.27 10.26
C ALA A 186 -35.51 10.05 9.52
N LYS A 187 -34.41 10.62 10.00
CA LYS A 187 -33.11 10.54 9.35
C LYS A 187 -32.21 9.53 10.02
N LEU A 188 -32.76 8.70 10.90
CA LEU A 188 -32.05 7.61 11.58
C LEU A 188 -32.54 6.28 11.03
N HIS A 189 -31.60 5.38 10.72
CA HIS A 189 -31.94 4.14 10.03
C HIS A 189 -31.21 2.96 10.66
N ARG A 190 -31.97 2.00 11.17
CA ARG A 190 -31.41 0.75 11.69
C ARG A 190 -31.03 -0.16 10.55
N LEU A 191 -29.89 -0.82 10.67
CA LEU A 191 -29.47 -1.72 9.63
C LEU A 191 -30.29 -3.00 9.64
N ASN A 192 -30.52 -3.57 10.82
CA ASN A 192 -31.32 -4.79 10.91
C ASN A 192 -30.76 -5.90 10.03
N HIS A 193 -29.44 -6.01 9.97
CA HIS A 193 -28.78 -6.99 9.09
C HIS A 193 -28.70 -8.37 9.75
N LYS A 194 -29.16 -9.40 9.04
CA LYS A 194 -29.07 -10.78 9.52
C LYS A 194 -28.56 -11.64 8.37
N GLY A 195 -27.24 -11.78 8.27
CA GLY A 195 -26.62 -12.51 7.20
C GLY A 195 -25.93 -13.78 7.66
N LYS A 196 -25.24 -14.42 6.71
CA LYS A 196 -24.60 -15.69 7.01
C LYS A 196 -23.52 -15.52 8.07
N TYR A 197 -22.69 -14.50 7.94
CA TYR A 197 -21.56 -14.37 8.84
C TYR A 197 -21.76 -13.35 9.94
N PHE A 198 -22.58 -12.33 9.71
CA PHE A 198 -22.75 -11.24 10.68
C PHE A 198 -24.23 -10.98 10.90
N GLN A 199 -24.57 -10.59 12.13
CA GLN A 199 -25.92 -10.13 12.48
C GLN A 199 -25.73 -8.85 13.27
N VAL A 200 -26.17 -7.71 12.73
CA VAL A 200 -25.81 -6.40 13.26
C VAL A 200 -27.05 -5.52 13.14
N GLU A 201 -27.61 -5.14 14.27
CA GLU A 201 -28.91 -4.47 14.27
C GLU A 201 -28.78 -2.98 14.01
N GLY A 202 -27.79 -2.35 14.60
CA GLY A 202 -27.64 -0.93 14.54
C GLY A 202 -28.58 -0.22 15.49
N PRO A 203 -28.65 1.12 15.39
CA PRO A 203 -27.81 1.93 14.51
C PRO A 203 -26.41 2.16 15.03
N LEU A 204 -25.54 2.61 14.15
CA LEU A 204 -24.22 3.08 14.55
C LEU A 204 -24.34 4.34 15.39
N ASN A 205 -23.45 4.48 16.38
CA ASN A 205 -23.44 5.62 17.28
C ASN A 205 -22.43 6.69 16.87
N ILE A 206 -22.31 6.93 15.58
CA ILE A 206 -21.60 8.07 15.06
C ILE A 206 -22.14 8.34 13.66
N GLY A 207 -22.27 9.64 13.32
CA GLY A 207 -22.91 10.09 12.10
C GLY A 207 -21.94 10.23 10.92
N ARG A 208 -22.38 10.98 9.91
CA ARG A 208 -21.60 11.13 8.68
C ARG A 208 -20.46 12.11 8.90
N SER A 209 -19.34 11.85 8.21
CA SER A 209 -18.17 12.70 8.28
C SER A 209 -18.24 13.80 7.23
N LYS A 210 -17.23 14.66 7.22
CA LYS A 210 -17.16 15.74 6.25
C LYS A 210 -16.92 15.24 4.84
N GLN A 211 -16.47 13.99 4.65
CA GLN A 211 -16.46 13.38 3.31
C GLN A 211 -17.52 12.29 3.18
N GLY A 212 -18.57 12.36 3.98
CA GLY A 212 -19.57 11.31 4.00
C GLY A 212 -19.13 10.12 4.84
N GLU A 213 -18.21 9.35 4.29
CA GLU A 213 -17.70 8.16 4.95
C GLU A 213 -16.32 7.84 4.36
N PRO A 214 -15.52 7.03 5.06
CA PRO A 214 -14.16 6.75 4.60
C PRO A 214 -14.09 6.12 3.21
N VAL A 215 -12.93 6.23 2.64
CA VAL A 215 -12.64 5.70 1.29
C VAL A 215 -12.13 4.28 1.44
N VAL A 216 -12.49 3.40 0.50
CA VAL A 216 -12.10 1.99 0.58
C VAL A 216 -11.01 1.70 -0.45
N PHE A 217 -9.91 1.14 0.02
CA PHE A 217 -8.77 0.69 -0.78
C PHE A 217 -8.75 -0.82 -0.78
N GLN A 218 -8.23 -1.42 -1.86
CA GLN A 218 -8.15 -2.86 -1.88
C GLN A 218 -6.99 -3.29 -2.78
N ALA A 219 -6.38 -4.43 -2.47
CA ALA A 219 -5.21 -4.86 -3.22
C ALA A 219 -5.37 -6.23 -3.87
N GLY A 220 -6.59 -6.72 -4.07
CA GLY A 220 -6.74 -8.06 -4.63
C GLY A 220 -6.08 -8.19 -5.99
N SER A 221 -5.37 -9.30 -6.21
CA SER A 221 -4.71 -9.60 -7.47
C SER A 221 -5.13 -10.92 -8.08
N SER A 222 -5.68 -11.84 -7.30
CA SER A 222 -6.24 -13.06 -7.88
C SER A 222 -7.49 -12.73 -8.71
N GLU A 223 -8.01 -13.73 -9.44
CA GLU A 223 -9.27 -13.57 -10.15
C GLU A 223 -10.35 -13.05 -9.21
N THR A 224 -10.53 -13.74 -8.09
CA THR A 224 -11.56 -13.34 -7.14
C THR A 224 -11.27 -11.95 -6.57
N GLY A 225 -10.02 -11.71 -6.19
CA GLY A 225 -9.69 -10.44 -5.56
C GLY A 225 -9.81 -9.25 -6.49
N ARG A 226 -9.35 -9.42 -7.73
CA ARG A 226 -9.54 -8.37 -8.73
C ARG A 226 -11.02 -8.04 -8.92
N GLN A 227 -11.88 -9.07 -8.99
CA GLN A 227 -13.29 -8.79 -9.19
C GLN A 227 -13.88 -8.09 -7.96
N PHE A 228 -13.46 -8.51 -6.78
CA PHE A 228 -13.93 -7.86 -5.54
C PHE A 228 -13.50 -6.40 -5.49
N ALA A 229 -12.27 -6.11 -5.91
CA ALA A 229 -11.78 -4.74 -5.90
C ALA A 229 -12.53 -3.88 -6.91
N ALA A 230 -12.71 -4.42 -8.11
CA ALA A 230 -13.46 -3.70 -9.13
C ALA A 230 -14.90 -3.42 -8.71
N LYS A 231 -15.52 -4.34 -7.98
CA LYS A 231 -16.89 -4.16 -7.50
C LYS A 231 -16.97 -3.14 -6.36
N ASN A 232 -15.99 -3.11 -5.47
CA ASN A 232 -16.16 -2.43 -4.20
C ASN A 232 -15.23 -1.25 -3.96
N ALA A 233 -14.02 -1.25 -4.51
CA ALA A 233 -13.00 -0.33 -4.06
C ALA A 233 -13.06 1.02 -4.76
N ASP A 234 -12.70 2.06 -3.99
CA ASP A 234 -12.47 3.38 -4.57
C ASP A 234 -11.08 3.50 -5.16
N ALA A 235 -10.13 2.73 -4.61
CA ALA A 235 -8.74 2.79 -5.03
C ALA A 235 -8.16 1.40 -4.85
N ILE A 236 -7.23 1.06 -5.73
CA ILE A 236 -6.71 -0.29 -5.79
C ILE A 236 -5.20 -0.23 -5.82
N PHE A 237 -4.55 -1.04 -4.98
CA PHE A 237 -3.10 -1.17 -4.96
C PHE A 237 -2.64 -2.32 -5.85
N THR A 238 -1.49 -2.16 -6.48
CA THR A 238 -0.98 -3.28 -7.25
C THR A 238 0.53 -3.15 -7.32
N HIS A 239 1.17 -4.09 -7.99
CA HIS A 239 2.63 -4.06 -8.06
C HIS A 239 3.07 -3.41 -9.36
N SER A 240 4.36 -3.12 -9.43
CA SER A 240 4.99 -2.46 -10.56
C SER A 240 6.11 -3.34 -11.12
N ASN A 241 5.86 -4.63 -11.28
CA ASN A 241 6.94 -5.54 -11.71
C ASN A 241 7.44 -5.19 -13.12
N SER A 242 6.54 -4.78 -14.00
CA SER A 242 6.92 -4.32 -15.34
C SER A 242 5.80 -3.43 -15.85
N LEU A 243 6.15 -2.53 -16.75
CA LEU A 243 5.13 -1.67 -17.34
C LEU A 243 4.04 -2.50 -18.01
N GLU A 244 4.46 -3.54 -18.74
CA GLU A 244 3.50 -4.34 -19.50
C GLU A 244 2.52 -5.03 -18.56
N GLU A 245 3.02 -5.61 -17.48
CA GLU A 245 2.14 -6.33 -16.54
C GLU A 245 1.18 -5.35 -15.87
N THR A 246 1.67 -4.16 -15.50
CA THR A 246 0.86 -3.21 -14.77
C THR A 246 -0.20 -2.58 -15.69
N LYS A 247 0.14 -2.32 -16.94
CA LYS A 247 -0.84 -1.88 -17.93
C LYS A 247 -1.96 -2.88 -18.09
N ALA A 248 -1.62 -4.17 -18.17
CA ALA A 248 -2.64 -5.22 -18.32
C ALA A 248 -3.55 -5.30 -17.10
N PHE A 249 -2.96 -5.18 -15.91
CA PHE A 249 -3.76 -5.16 -14.69
C PHE A 249 -4.72 -3.98 -14.70
N TYR A 250 -4.21 -2.81 -15.05
CA TYR A 250 -5.04 -1.60 -15.06
C TYR A 250 -6.25 -1.77 -15.96
N ALA A 251 -6.02 -2.18 -17.22
CA ALA A 251 -7.09 -2.35 -18.19
C ALA A 251 -8.07 -3.42 -17.74
N ASP A 252 -7.57 -4.52 -17.19
CA ASP A 252 -8.43 -5.60 -16.74
C ASP A 252 -9.35 -5.13 -15.62
N VAL A 253 -8.79 -4.44 -14.62
CA VAL A 253 -9.60 -4.03 -13.49
C VAL A 253 -10.58 -2.94 -13.89
N LYS A 254 -10.17 -2.01 -14.76
CA LYS A 254 -11.12 -0.99 -15.26
C LYS A 254 -12.24 -1.64 -16.05
N SER A 255 -11.93 -2.67 -16.84
CA SER A 255 -12.98 -3.37 -17.57
C SER A 255 -13.93 -4.08 -16.60
N ARG A 256 -13.38 -4.74 -15.57
CA ARG A 256 -14.25 -5.37 -14.57
C ARG A 256 -15.14 -4.36 -13.90
N ALA A 257 -14.62 -3.16 -13.61
CA ALA A 257 -15.44 -2.17 -12.94
C ALA A 257 -16.62 -1.78 -13.83
N ALA A 258 -16.38 -1.66 -15.13
CA ALA A 258 -17.49 -1.37 -16.04
C ALA A 258 -18.50 -2.51 -16.04
N ASP A 259 -18.01 -3.76 -15.99
CA ASP A 259 -18.90 -4.91 -15.96
C ASP A 259 -19.77 -4.87 -14.71
N GLU A 260 -19.25 -4.32 -13.63
CA GLU A 260 -20.02 -4.15 -12.41
C GLU A 260 -20.92 -2.93 -12.47
N GLY A 261 -20.96 -2.21 -13.59
CA GLY A 261 -21.82 -1.06 -13.74
C GLY A 261 -21.27 0.22 -13.15
N ARG A 262 -19.97 0.29 -12.90
CA ARG A 262 -19.36 1.50 -12.36
C ARG A 262 -18.68 2.30 -13.47
N ASP A 263 -18.50 3.58 -13.19
CA ASP A 263 -17.66 4.43 -14.02
C ASP A 263 -16.19 4.11 -13.71
N PRO A 264 -15.40 3.61 -14.67
CA PRO A 264 -14.02 3.21 -14.36
C PRO A 264 -13.16 4.31 -13.80
N SER A 265 -13.45 5.57 -14.15
CA SER A 265 -12.68 6.68 -13.58
C SER A 265 -12.91 6.83 -12.09
N SER A 266 -13.97 6.24 -11.53
CA SER A 266 -14.17 6.30 -10.08
C SER A 266 -13.32 5.29 -9.34
N VAL A 267 -12.46 4.55 -10.03
CA VAL A 267 -11.64 3.50 -9.44
C VAL A 267 -10.20 3.85 -9.76
N ARG A 268 -9.44 4.29 -8.74
CA ARG A 268 -8.13 4.87 -8.93
C ARG A 268 -7.08 3.80 -8.67
N ILE A 269 -6.21 3.54 -9.64
CA ILE A 269 -5.24 2.45 -9.53
C ILE A 269 -3.88 3.01 -9.17
N PHE A 270 -3.29 2.48 -8.09
CA PHE A 270 -2.02 2.93 -7.53
C PHE A 270 -1.00 1.79 -7.47
N PRO A 271 -0.13 1.63 -8.46
CA PRO A 271 0.98 0.67 -8.29
C PRO A 271 1.98 1.16 -7.25
N GLY A 272 2.63 0.23 -6.58
CA GLY A 272 3.62 0.55 -5.56
C GLY A 272 5.02 0.61 -6.16
N ILE A 273 5.75 1.68 -5.84
CA ILE A 273 7.13 1.84 -6.31
C ILE A 273 7.96 2.31 -5.13
N SER A 274 9.26 2.01 -5.16
CA SER A 274 10.19 2.39 -4.09
C SER A 274 11.37 3.09 -4.74
N PRO A 275 11.21 4.35 -5.14
CA PRO A 275 12.20 4.99 -6.01
C PRO A 275 13.45 5.38 -5.25
N ILE A 276 14.59 5.38 -5.94
CA ILE A 276 15.87 5.79 -5.36
C ILE A 276 16.34 6.99 -6.18
N VAL A 277 16.20 8.19 -5.62
CA VAL A 277 16.42 9.44 -6.34
C VAL A 277 17.71 10.09 -5.83
N ALA A 278 18.57 10.51 -6.75
CA ALA A 278 19.80 11.19 -6.39
C ALA A 278 20.17 12.12 -7.54
N ASP A 279 21.12 12.99 -7.29
CA ASP A 279 21.44 14.01 -8.29
C ASP A 279 22.15 13.46 -9.53
N THR A 280 22.74 12.27 -9.45
CA THR A 280 23.38 11.65 -10.62
C THR A 280 23.02 10.17 -10.69
N GLU A 281 23.09 9.62 -11.90
CA GLU A 281 22.92 8.18 -12.06
C GLU A 281 23.84 7.41 -11.11
N GLU A 282 25.10 7.85 -10.99
CA GLU A 282 26.08 7.10 -10.22
C GLU A 282 25.81 7.19 -8.73
N GLU A 283 25.32 8.35 -8.26
CA GLU A 283 25.02 8.47 -6.84
C GLU A 283 23.84 7.59 -6.44
N ALA A 284 22.79 7.54 -7.28
CA ALA A 284 21.66 6.66 -6.99
C ALA A 284 22.09 5.20 -6.96
N GLU A 285 22.92 4.81 -7.92
CA GLU A 285 23.40 3.42 -7.97
C GLU A 285 24.22 3.10 -6.73
N LYS A 286 25.08 4.03 -6.29
CA LYS A 286 25.79 3.88 -5.02
C LYS A 286 24.85 3.63 -3.85
N LYS A 287 23.74 4.35 -3.79
CA LYS A 287 22.82 4.16 -2.66
C LYS A 287 22.16 2.79 -2.71
N TYR A 288 21.75 2.36 -3.91
CA TYR A 288 21.24 1.01 -4.07
C TYR A 288 22.27 -0.02 -3.61
N ARG A 289 23.50 0.14 -4.07
CA ARG A 289 24.54 -0.84 -3.72
C ARG A 289 24.80 -0.86 -2.22
N GLU A 290 24.82 0.30 -1.57
CA GLU A 290 25.00 0.33 -0.13
C GLU A 290 23.97 -0.54 0.56
N PHE A 291 22.73 -0.51 0.09
CA PHE A 291 21.69 -1.30 0.76
C PHE A 291 21.76 -2.77 0.35
N ALA A 292 22.03 -3.01 -0.93
CA ALA A 292 22.09 -4.40 -1.39
C ALA A 292 23.20 -5.15 -0.70
N GLU A 293 24.29 -4.46 -0.33
CA GLU A 293 25.44 -5.08 0.31
C GLU A 293 25.19 -5.45 1.77
N LEU A 294 24.07 -5.05 2.36
CA LEU A 294 23.88 -5.33 3.78
C LEU A 294 23.54 -6.78 4.07
N ILE A 295 22.93 -7.48 3.12
CA ILE A 295 22.47 -8.85 3.35
C ILE A 295 23.66 -9.74 3.71
N PRO A 296 23.57 -10.60 4.72
CA PRO A 296 24.65 -11.57 4.93
C PRO A 296 24.81 -12.42 3.68
N ILE A 297 26.02 -12.43 3.13
CA ILE A 297 26.18 -12.97 1.78
C ILE A 297 25.86 -14.46 1.77
N GLU A 298 26.23 -15.16 2.85
CA GLU A 298 25.88 -16.57 2.96
C GLU A 298 24.38 -16.80 2.82
N ASN A 299 23.57 -15.96 3.46
CA ASN A 299 22.12 -16.13 3.32
C ASN A 299 21.66 -15.85 1.90
N ALA A 300 22.22 -14.82 1.28
CA ALA A 300 21.83 -14.50 -0.08
C ALA A 300 22.24 -15.61 -1.04
N VAL A 301 23.45 -16.14 -0.89
CA VAL A 301 23.89 -17.20 -1.81
C VAL A 301 23.06 -18.45 -1.63
N THR A 302 22.74 -18.81 -0.37
CA THR A 302 21.88 -19.96 -0.14
C THR A 302 20.51 -19.76 -0.80
N TYR A 303 19.95 -18.56 -0.71
CA TYR A 303 18.67 -18.31 -1.36
C TYR A 303 18.82 -18.33 -2.87
N LEU A 304 19.91 -17.74 -3.37
CA LEU A 304 20.26 -17.88 -4.78
C LEU A 304 20.38 -19.35 -5.14
N ALA A 305 20.96 -20.16 -4.26
CA ALA A 305 21.22 -21.57 -4.56
C ALA A 305 19.95 -22.31 -4.94
N ARG A 306 18.83 -21.79 -4.50
CA ARG A 306 17.56 -22.39 -4.78
C ARG A 306 17.36 -22.53 -6.26
N PHE A 307 17.49 -21.44 -6.97
CA PHE A 307 17.29 -21.44 -8.40
C PHE A 307 18.33 -22.20 -9.21
N PHE A 308 19.52 -22.41 -8.68
CA PHE A 308 20.33 -23.46 -9.22
C PHE A 308 20.30 -24.78 -8.42
N ASP A 309 21.00 -24.86 -7.28
CA ASP A 309 21.19 -26.08 -6.44
C ASP A 309 21.44 -27.43 -7.12
N ASP A 310 21.89 -27.35 -8.35
CA ASP A 310 22.41 -28.54 -9.00
C ASP A 310 23.91 -28.30 -8.68
N TYR A 311 24.22 -27.15 -8.05
CA TYR A 311 25.61 -26.90 -7.72
C TYR A 311 25.68 -26.38 -6.29
N ASP A 312 26.86 -26.51 -5.69
CA ASP A 312 27.14 -25.84 -4.42
C ASP A 312 27.89 -24.56 -4.76
N LEU A 313 27.22 -23.42 -4.57
CA LEU A 313 27.78 -22.15 -5.03
C LEU A 313 28.94 -21.71 -4.16
N SER A 314 29.03 -22.24 -2.94
CA SER A 314 30.17 -21.96 -2.07
C SER A 314 31.49 -22.47 -2.66
N VAL A 315 31.45 -23.19 -3.79
CA VAL A 315 32.68 -23.52 -4.48
C VAL A 315 33.24 -22.30 -5.20
N TYR A 316 32.37 -21.53 -5.83
CA TYR A 316 32.81 -20.50 -6.75
C TYR A 316 33.30 -19.27 -5.99
N PRO A 317 34.42 -18.68 -6.39
CA PRO A 317 34.82 -17.40 -5.80
C PRO A 317 33.68 -16.39 -5.87
N LEU A 318 33.41 -15.75 -4.74
CA LEU A 318 32.34 -14.76 -4.69
C LEU A 318 32.59 -13.66 -5.72
N ASP A 319 33.86 -13.27 -5.88
CA ASP A 319 34.18 -12.06 -6.62
C ASP A 319 34.67 -12.36 -8.03
N GLU A 320 34.31 -13.52 -8.57
CA GLU A 320 34.53 -13.87 -9.95
C GLU A 320 33.19 -13.98 -10.67
N PRO A 321 33.18 -13.88 -12.00
CA PRO A 321 31.91 -13.82 -12.74
C PRO A 321 30.98 -14.97 -12.39
N PHE A 322 29.68 -14.69 -12.45
CA PHE A 322 28.70 -15.72 -12.16
C PHE A 322 28.89 -16.89 -13.11
N PRO A 323 28.96 -18.13 -12.62
CA PRO A 323 29.29 -19.25 -13.50
C PRO A 323 28.22 -19.51 -14.55
N ASP A 324 28.63 -20.24 -15.60
CA ASP A 324 27.72 -20.63 -16.68
C ASP A 324 26.88 -21.82 -16.28
N ILE A 325 26.54 -21.90 -15.00
CA ILE A 325 25.58 -22.87 -14.50
C ILE A 325 24.34 -22.86 -15.37
N GLY A 326 23.87 -24.05 -15.75
CA GLY A 326 22.69 -24.13 -16.60
C GLY A 326 22.31 -25.53 -17.02
N ASP A 327 21.19 -26.00 -16.49
CA ASP A 327 20.63 -27.28 -16.91
C ASP A 327 19.12 -27.17 -16.82
N VAL A 328 18.45 -27.43 -17.95
CA VAL A 328 17.00 -27.39 -18.00
C VAL A 328 16.46 -28.61 -17.26
N GLY A 329 16.52 -28.59 -15.93
CA GLY A 329 15.89 -29.61 -15.12
C GLY A 329 14.41 -29.31 -14.97
N LYS A 330 13.64 -29.64 -16.01
CA LYS A 330 12.25 -29.19 -16.12
C LYS A 330 12.23 -27.67 -16.20
N ASN A 331 11.04 -27.08 -16.19
CA ASN A 331 10.90 -25.65 -15.91
C ASN A 331 10.71 -25.40 -14.42
N ALA A 332 11.48 -26.12 -13.59
CA ALA A 332 11.32 -26.04 -12.14
C ALA A 332 11.31 -24.60 -11.66
N PHE A 333 12.33 -23.83 -12.04
CA PHE A 333 12.33 -22.38 -11.86
C PHE A 333 13.04 -21.74 -13.05
N GLN A 334 12.84 -22.30 -14.24
CA GLN A 334 13.66 -21.97 -15.40
C GLN A 334 13.30 -20.62 -16.02
N SER A 335 12.04 -20.19 -15.90
CA SER A 335 11.70 -18.84 -16.36
C SER A 335 12.52 -17.80 -15.60
N THR A 336 12.80 -18.06 -14.32
CA THR A 336 13.61 -17.16 -13.53
C THR A 336 15.09 -17.39 -13.79
N THR A 337 15.54 -18.64 -13.69
CA THR A 337 16.96 -18.94 -13.90
C THR A 337 17.45 -18.37 -15.22
N ASP A 338 16.66 -18.54 -16.28
CA ASP A 338 17.03 -17.95 -17.56
C ASP A 338 17.18 -16.44 -17.42
N ARG A 339 16.24 -15.80 -16.72
CA ARG A 339 16.35 -14.37 -16.49
C ARG A 339 17.61 -14.05 -15.69
N ILE A 340 17.91 -14.85 -14.67
CA ILE A 340 19.09 -14.61 -13.84
C ILE A 340 20.36 -14.73 -14.68
N LYS A 341 20.46 -15.79 -15.47
CA LYS A 341 21.66 -15.98 -16.28
C LYS A 341 21.83 -14.84 -17.28
N ARG A 342 20.73 -14.41 -17.90
CA ARG A 342 20.78 -13.32 -18.88
C ARG A 342 21.36 -12.06 -18.25
N GLU A 343 20.76 -11.60 -17.14
CA GLU A 343 21.18 -10.35 -16.54
C GLU A 343 22.62 -10.45 -16.06
N ALA A 344 23.01 -11.59 -15.49
CA ALA A 344 24.39 -11.76 -15.05
C ALA A 344 25.37 -11.64 -16.21
N LYS A 345 25.05 -12.24 -17.37
CA LYS A 345 25.90 -12.09 -18.54
C LYS A 345 25.81 -10.67 -19.10
N ALA A 346 24.62 -10.08 -19.10
CA ALA A 346 24.44 -8.77 -19.71
C ALA A 346 25.29 -7.71 -19.00
N ARG A 347 25.35 -7.77 -17.67
CA ARG A 347 26.08 -6.78 -16.90
C ARG A 347 27.34 -7.34 -16.25
N ASN A 348 27.77 -8.53 -16.64
CA ASN A 348 29.01 -9.15 -16.17
C ASN A 348 29.08 -9.15 -14.64
N LEU A 349 28.01 -9.64 -14.03
CA LEU A 349 27.92 -9.68 -12.58
C LEU A 349 28.69 -10.86 -12.00
N THR A 350 29.27 -10.64 -10.82
CA THR A 350 29.90 -11.69 -10.04
C THR A 350 28.83 -12.50 -9.32
N LEU A 351 29.26 -13.66 -8.80
CA LEU A 351 28.38 -14.47 -7.98
C LEU A 351 27.80 -13.65 -6.84
N ARG A 352 28.66 -12.88 -6.16
CA ARG A 352 28.21 -12.07 -5.05
C ARG A 352 27.12 -11.08 -5.49
N GLU A 353 27.35 -10.38 -6.60
CA GLU A 353 26.39 -9.37 -7.05
C GLU A 353 25.06 -10.01 -7.42
N VAL A 354 25.09 -11.15 -8.09
CA VAL A 354 23.85 -11.84 -8.42
C VAL A 354 23.08 -12.15 -7.15
N ALA A 355 23.77 -12.73 -6.17
CA ALA A 355 23.10 -13.04 -4.91
C ALA A 355 22.50 -11.78 -4.30
N GLN A 356 23.27 -10.69 -4.27
CA GLN A 356 22.77 -9.46 -3.66
C GLN A 356 21.56 -8.92 -4.40
N GLU A 357 21.59 -8.94 -5.73
CA GLU A 357 20.45 -8.40 -6.47
C GLU A 357 19.21 -9.26 -6.30
N MET A 358 19.37 -10.58 -6.20
CA MET A 358 18.21 -11.44 -5.98
C MET A 358 17.58 -11.18 -4.62
N ALA A 359 18.40 -10.90 -3.60
CA ALA A 359 17.85 -10.60 -2.28
C ALA A 359 17.16 -9.25 -2.24
N PHE A 360 17.60 -8.29 -3.05
CA PHE A 360 17.07 -6.93 -3.03
C PHE A 360 17.16 -6.36 -4.42
N PRO A 361 16.14 -6.59 -5.24
CA PRO A 361 16.21 -6.15 -6.63
C PRO A 361 16.26 -4.65 -6.79
N ARG A 362 16.92 -4.23 -7.88
CA ARG A 362 17.07 -2.83 -8.22
C ARG A 362 15.80 -2.28 -8.87
N THR A 363 15.17 -1.29 -8.25
CA THR A 363 13.99 -0.67 -8.84
C THR A 363 14.29 -0.08 -10.22
N LEU A 364 13.27 -0.09 -11.08
CA LEU A 364 13.35 0.67 -12.33
C LEU A 364 13.46 2.17 -12.07
N PHE A 365 12.86 2.62 -10.98
CA PHE A 365 12.72 4.04 -10.66
C PHE A 365 13.91 4.51 -9.82
N ILE A 366 15.08 4.39 -10.42
CA ILE A 366 16.34 4.77 -9.79
C ILE A 366 17.06 5.78 -10.67
N GLY A 367 17.61 6.82 -10.06
CA GLY A 367 18.47 7.71 -10.81
C GLY A 367 18.10 9.16 -10.57
N THR A 368 18.18 9.98 -11.59
CA THR A 368 18.03 11.41 -11.38
C THR A 368 16.55 11.73 -11.19
N PRO A 369 16.24 12.86 -10.57
CA PRO A 369 14.83 13.26 -10.47
C PRO A 369 14.17 13.35 -11.83
N GLU A 370 14.88 13.88 -12.81
CA GLU A 370 14.34 13.99 -14.17
C GLU A 370 13.99 12.61 -14.74
N ARG A 371 14.88 11.62 -14.55
CA ARG A 371 14.56 10.27 -15.03
C ARG A 371 13.36 9.71 -14.30
N VAL A 372 13.33 9.83 -12.97
CA VAL A 372 12.25 9.20 -12.23
C VAL A 372 10.94 9.89 -12.53
N ALA A 373 10.94 11.22 -12.64
CA ALA A 373 9.73 11.93 -13.04
C ALA A 373 9.27 11.51 -14.44
N SER A 374 10.22 11.27 -15.33
CA SER A 374 9.86 10.92 -16.69
C SER A 374 9.25 9.54 -16.76
N LEU A 375 9.80 8.59 -16.00
CA LEU A 375 9.25 7.24 -15.97
C LEU A 375 7.83 7.27 -15.42
N ILE A 376 7.62 8.01 -14.33
CA ILE A 376 6.29 8.11 -13.73
C ILE A 376 5.31 8.68 -14.75
N GLU A 377 5.71 9.74 -15.44
CA GLU A 377 4.86 10.32 -16.46
C GLU A 377 4.56 9.32 -17.56
N THR A 378 5.56 8.51 -17.92
CA THR A 378 5.35 7.53 -18.98
C THR A 378 4.33 6.49 -18.52
N TRP A 379 4.44 6.03 -17.29
CA TRP A 379 3.48 5.03 -16.81
C TRP A 379 2.08 5.62 -16.74
N PHE A 380 2.00 6.89 -16.35
CA PHE A 380 0.71 7.59 -16.27
C PHE A 380 0.10 7.73 -17.65
N ASN A 381 0.87 8.22 -18.61
CA ASN A 381 0.38 8.41 -19.97
C ASN A 381 0.03 7.09 -20.64
N ALA A 382 0.70 6.00 -20.27
CA ALA A 382 0.41 4.68 -20.82
C ALA A 382 -0.77 3.99 -20.13
N GLU A 383 -1.45 4.66 -19.22
CA GLU A 383 -2.55 4.06 -18.47
C GLU A 383 -2.07 2.77 -17.79
N ALA A 384 -0.91 2.86 -17.15
CA ALA A 384 -0.52 1.88 -16.15
C ALA A 384 -0.89 2.34 -14.74
N ALA A 385 -1.25 3.61 -14.56
CA ALA A 385 -1.41 4.14 -13.21
C ALA A 385 -2.25 5.40 -13.23
N ASP A 386 -3.10 5.56 -12.20
CA ASP A 386 -3.69 6.84 -11.87
C ASP A 386 -2.88 7.58 -10.81
N GLY A 387 -2.04 6.85 -10.09
CA GLY A 387 -1.09 7.42 -9.15
C GLY A 387 -0.16 6.33 -8.67
N PHE A 388 0.69 6.63 -7.72
CA PHE A 388 1.60 5.63 -7.18
C PHE A 388 1.61 5.68 -5.67
N ILE A 389 1.70 4.53 -5.05
CA ILE A 389 1.99 4.46 -3.62
C ILE A 389 3.51 4.31 -3.49
N VAL A 390 4.13 5.22 -2.76
CA VAL A 390 5.58 5.40 -2.76
C VAL A 390 6.13 4.85 -1.45
N GLY A 391 6.97 3.82 -1.55
CA GLY A 391 7.69 3.34 -0.40
C GLY A 391 9.01 4.07 -0.26
N SER A 392 9.55 4.09 0.95
CA SER A 392 10.66 5.00 1.24
C SER A 392 11.57 4.40 2.30
N ASP A 393 11.77 3.08 2.25
CA ASP A 393 12.51 2.40 3.32
C ASP A 393 13.92 2.99 3.49
N ILE A 394 14.60 3.23 2.36
CA ILE A 394 15.96 3.76 2.32
C ILE A 394 15.97 5.19 2.82
N PRO A 395 16.69 5.50 3.88
CA PRO A 395 16.60 6.84 4.46
C PRO A 395 16.79 7.93 3.41
N GLY A 396 15.88 8.90 3.44
CA GLY A 396 15.97 10.08 2.61
C GLY A 396 15.26 9.98 1.29
N THR A 397 14.70 8.83 0.92
N THR A 397 14.73 8.81 0.94
CA THR A 397 14.13 8.71 -0.43
CA THR A 397 14.11 8.64 -0.37
C THR A 397 12.77 9.39 -0.52
C THR A 397 12.84 9.47 -0.48
N LEU A 398 12.03 9.51 0.59
CA LEU A 398 10.80 10.28 0.54
C LEU A 398 11.12 11.76 0.43
N ASP A 399 12.07 12.23 1.23
CA ASP A 399 12.52 13.61 1.16
C ASP A 399 12.99 13.94 -0.23
N ALA A 400 13.84 13.09 -0.80
CA ALA A 400 14.36 13.36 -2.13
C ALA A 400 13.23 13.39 -3.15
N PHE A 401 12.27 12.47 -3.03
CA PHE A 401 11.15 12.44 -3.97
C PHE A 401 10.34 13.73 -3.88
N VAL A 402 9.97 14.13 -2.67
CA VAL A 402 9.19 15.35 -2.49
C VAL A 402 9.97 16.58 -2.97
N GLU A 403 11.24 16.68 -2.57
CA GLU A 403 11.99 17.90 -2.88
C GLU A 403 12.35 18.01 -4.36
N LYS A 404 12.57 16.90 -5.05
CA LYS A 404 13.17 16.93 -6.38
C LYS A 404 12.29 16.41 -7.50
N VAL A 405 11.49 15.37 -7.29
CA VAL A 405 10.59 14.89 -8.33
C VAL A 405 9.29 15.71 -8.39
N ILE A 406 8.63 15.95 -7.24
CA ILE A 406 7.35 16.67 -7.26
C ILE A 406 7.43 17.96 -8.05
N PRO A 407 8.42 18.82 -7.85
CA PRO A 407 8.47 20.07 -8.64
C PRO A 407 8.54 19.87 -10.14
N ILE A 408 9.19 18.79 -10.60
CA ILE A 408 9.24 18.57 -12.03
C ILE A 408 7.85 18.24 -12.55
N LEU A 409 7.12 17.38 -11.82
CA LEU A 409 5.79 17.02 -12.24
C LEU A 409 4.85 18.22 -12.17
N GLN A 410 5.08 19.12 -11.21
CA GLN A 410 4.33 20.38 -11.15
C GLN A 410 4.63 21.25 -12.36
N GLU A 411 5.92 21.40 -12.69
CA GLU A 411 6.31 22.24 -13.81
C GLU A 411 5.75 21.70 -15.12
N ARG A 412 5.62 20.38 -15.24
CA ARG A 412 5.11 19.77 -16.45
C ARG A 412 3.58 19.71 -16.48
N GLY A 413 2.92 20.14 -15.43
CA GLY A 413 1.48 20.19 -15.43
C GLY A 413 0.79 18.88 -15.09
N LEU A 414 1.54 17.93 -14.57
CA LEU A 414 0.99 16.64 -14.17
C LEU A 414 0.61 16.57 -12.71
N TYR A 415 0.97 17.59 -11.93
CA TYR A 415 0.76 17.55 -10.49
C TYR A 415 0.30 18.92 -10.02
N ARG A 416 -0.63 18.93 -9.09
CA ARG A 416 -1.16 20.20 -8.63
C ARG A 416 -0.11 20.99 -7.86
N GLN A 417 -0.35 22.29 -7.73
CA GLN A 417 0.46 23.23 -6.95
C GLN A 417 0.00 23.33 -5.50
N ASP A 418 -1.20 22.86 -5.22
CA ASP A 418 -1.88 23.04 -3.95
C ASP A 418 -2.82 21.87 -3.77
N TYR A 419 -3.10 21.52 -2.51
CA TYR A 419 -4.14 20.57 -2.23
C TYR A 419 -5.46 21.02 -2.85
N ARG A 420 -6.17 20.07 -3.46
CA ARG A 420 -7.53 20.33 -3.93
C ARG A 420 -8.47 20.67 -2.77
N GLY A 421 -8.39 19.93 -1.67
CA GLY A 421 -9.29 20.23 -0.58
C GLY A 421 -8.79 19.58 0.70
N GLY A 422 -9.67 19.51 1.67
CA GLY A 422 -9.35 18.96 2.97
C GLY A 422 -9.76 17.53 3.21
N THR A 423 -10.42 16.88 2.27
CA THR A 423 -10.88 15.52 2.48
C THR A 423 -10.18 14.61 1.50
N LEU A 424 -10.08 13.34 1.90
CA LEU A 424 -9.45 12.36 1.05
C LEU A 424 -10.22 12.20 -0.26
N ARG A 425 -11.56 12.16 -0.19
CA ARG A 425 -12.32 12.03 -1.42
C ARG A 425 -12.01 13.16 -2.39
N GLU A 426 -11.95 14.40 -1.88
CA GLU A 426 -11.71 15.55 -2.76
C GLU A 426 -10.34 15.46 -3.41
N ASN A 427 -9.32 15.09 -2.63
CA ASN A 427 -7.98 15.03 -3.20
C ASN A 427 -7.77 13.84 -4.13
N LEU A 428 -8.56 12.77 -3.99
CA LEU A 428 -8.51 11.70 -4.97
C LEU A 428 -9.36 12.00 -6.19
N GLY A 429 -10.22 13.03 -6.14
CA GLY A 429 -11.07 13.37 -7.25
C GLY A 429 -12.36 12.59 -7.27
N LEU A 430 -12.76 12.05 -6.13
CA LEU A 430 -13.99 11.29 -5.99
C LEU A 430 -15.08 12.18 -5.40
N GLY A 431 -16.32 11.75 -5.57
CA GLY A 431 -17.44 12.39 -4.91
C GLY A 431 -17.81 11.67 -3.63
N ILE A 432 -18.68 12.29 -2.85
CA ILE A 432 -19.16 11.74 -1.58
C ILE A 432 -20.48 11.05 -1.84
N PRO A 433 -20.67 9.80 -1.39
CA PRO A 433 -21.78 8.97 -1.90
C PRO A 433 -23.13 9.17 -1.23
N GLN A 434 -23.27 10.14 -0.34
CA GLN A 434 -24.46 10.27 0.50
C GLN A 434 -25.74 10.23 -0.32
N1 FMN B . -1.00 -7.57 2.28
C2 FMN B . -1.28 -7.62 3.64
O2 FMN B . -1.48 -8.71 4.15
N3 FMN B . -1.34 -6.45 4.39
C4 FMN B . -1.12 -5.23 3.78
O4 FMN B . -1.15 -4.21 4.44
C4A FMN B . -0.84 -5.19 2.39
N5 FMN B . -0.61 -3.99 1.75
C5A FMN B . -0.33 -3.96 0.39
C6 FMN B . -0.10 -2.74 -0.24
C7 FMN B . 0.17 -2.68 -1.61
C7M FMN B . 0.45 -1.34 -2.23
C8 FMN B . 0.22 -3.86 -2.36
C8M FMN B . 0.53 -3.87 -3.83
C9 FMN B . -0.01 -5.08 -1.73
C9A FMN B . -0.29 -5.15 -0.36
N10 FMN B . -0.52 -6.37 0.28
C10 FMN B . -0.77 -6.37 1.64
C1' FMN B . -0.48 -7.68 -0.48
C2' FMN B . -1.84 -7.96 -1.13
O2' FMN B . -2.84 -7.96 -0.14
C3' FMN B . -1.89 -9.28 -1.90
O3' FMN B . -0.92 -9.26 -2.92
C4' FMN B . -3.26 -9.54 -2.53
O4' FMN B . -4.26 -9.53 -1.54
C5' FMN B . -3.36 -10.87 -3.26
O5' FMN B . -4.58 -10.90 -3.94
P FMN B . -5.76 -11.87 -3.47
O1P FMN B . -6.31 -11.34 -2.18
O2P FMN B . -6.82 -11.89 -4.54
O3P FMN B . -5.21 -13.24 -3.22
HN3 FMN B . -1.68 -6.48 5.38
H6 FMN B . -0.13 -1.81 0.34
HM71 FMN B . 0.67 -1.46 -3.28
HM72 FMN B . -0.43 -0.70 -2.12
HM73 FMN B . 1.31 -0.88 -1.73
HM81 FMN B . 0.53 -4.89 -4.20
HM82 FMN B . 1.52 -3.42 -3.99
HM83 FMN B . -0.22 -3.28 -4.36
H9 FMN B . 0.02 -6.00 -2.31
H1'1 FMN B . -0.23 -8.49 0.20
H1'2 FMN B . 0.29 -7.63 -1.25
H2' FMN B . -2.05 -7.15 -1.84
HO2' FMN B . -3.34 -8.81 -0.17
H3' FMN B . -1.67 -10.09 -1.21
HO3' FMN B . -1.35 -9.42 -3.78
H4' FMN B . -3.46 -8.74 -3.25
HO4' FMN B . -4.76 -10.38 -1.57
H5'1 FMN B . -2.53 -10.98 -3.96
H5'2 FMN B . -3.30 -11.69 -2.54
N1 LFN C . 2.22 -8.77 5.75
C2 LFN C . 2.15 -8.47 7.06
C10 LFN C . 2.39 -7.81 4.82
O2 LFN C . 2.03 -9.30 7.91
N3 LFN C . 2.26 -7.19 7.47
C4 LFN C . 2.42 -6.21 6.58
O4 LFN C . 2.51 -5.11 6.99
C4A LFN C . 2.48 -6.51 5.23
N5 LFN C . 2.67 -5.52 4.30
C5A LFN C . 2.73 -5.83 3.00
C6 LFN C . 2.91 -4.80 2.05
C9A LFN C . 2.62 -7.14 2.59
C7 LFN C . 2.97 -5.10 0.69
C7M LFN C . 3.18 -3.88 -0.19
C8 LFN C . 2.86 -6.42 0.27
C8M LFN C . 2.94 -6.85 -1.19
C9 LFN C . 2.69 -7.44 1.21
N10 LFN C . 2.44 -8.13 3.49
C1' LFN C . 2.32 -9.56 3.16
H3 LFN C . 2.23 -7.00 8.30
H6 LFN C . 2.98 -3.92 2.33
H7M1 LFN C . 2.31 -3.55 -0.50
H7M2 LFN C . 3.74 -4.11 -0.95
H7M3 LFN C . 3.61 -3.18 0.33
H8M1 LFN C . 2.45 -6.21 -1.74
H8M2 LFN C . 2.55 -7.73 -1.29
H8M3 LFN C . 3.87 -6.87 -1.48
H9 LFN C . 2.62 -8.33 0.92
H1'1 LFN C . 1.51 -9.72 2.66
H1'2 LFN C . 3.09 -9.83 2.62
H1'3 LFN C . 2.32 -10.09 3.98
#